data_4A9M
#
_entry.id   4A9M
#
_cell.length_a   115.577
_cell.length_b   55.682
_cell.length_c   67.986
_cell.angle_alpha   90.00
_cell.angle_beta   94.61
_cell.angle_gamma   90.00
#
_symmetry.space_group_name_H-M   'C 1 2 1'
#
loop_
_entity.id
_entity.type
_entity.pdbx_description
1 polymer 'BROMODOMAIN CONTAINING 2'
2 non-polymer N-cyclopentyl-5-(3,5-dimethylisoxazol-4-yl)-2-methylbenzenesulfonamide
3 non-polymer 'SULFATE ION'
4 water water
#
_entity_poly.entity_id   1
_entity_poly.type   'polypeptide(L)'
_entity_poly.pdbx_seq_one_letter_code
;GSSHHHHHHSSGLVPRGSHMSNPKKPGRVTNQLQYLHKVVMKALWKHQFAWPFRQPVDAVKLGLPDYHKIIKQPMDMGTI
KRRLENNYYWAASECMQDFNTMFTNCYIYNKPTDDIVLMAQTLEKIFLQKVASMPQEEQELVVTIPKNSHKKGA
;
_entity_poly.pdbx_strand_id   A,B,C
#
# COMPACT_ATOMS: atom_id res chain seq x y z
N VAL A 29 5.57 4.93 -16.59
CA VAL A 29 5.27 5.71 -15.35
C VAL A 29 3.81 6.12 -15.30
N THR A 30 3.17 5.83 -14.16
CA THR A 30 1.88 6.44 -13.80
C THR A 30 2.02 6.96 -12.37
N ASN A 31 1.01 7.70 -11.90
CA ASN A 31 0.97 8.20 -10.53
C ASN A 31 0.97 7.06 -9.50
N GLN A 32 0.23 6.00 -9.83
CA GLN A 32 0.04 4.85 -8.96
C GLN A 32 1.31 4.05 -8.79
N LEU A 33 2.00 3.79 -9.89
CA LEU A 33 3.28 3.10 -9.85
C LEU A 33 4.37 3.85 -9.06
N GLN A 34 4.35 5.18 -9.10
N GLN A 34 4.34 5.18 -9.11
CA GLN A 34 5.29 5.97 -8.30
CA GLN A 34 5.25 5.99 -8.31
C GLN A 34 4.95 5.87 -6.81
C GLN A 34 4.95 5.85 -6.82
N TYR A 35 3.66 5.82 -6.50
CA TYR A 35 3.22 5.58 -5.13
C TYR A 35 3.72 4.20 -4.66
N LEU A 36 3.48 3.16 -5.46
CA LEU A 36 3.94 1.80 -5.15
C LEU A 36 5.46 1.71 -4.96
N HIS A 37 6.20 2.51 -5.73
CA HIS A 37 7.66 2.55 -5.58
C HIS A 37 8.11 3.35 -4.34
N LYS A 38 7.62 4.57 -4.22
CA LYS A 38 8.08 5.49 -3.17
C LYS A 38 7.46 5.26 -1.79
N VAL A 39 6.23 4.75 -1.75
CA VAL A 39 5.55 4.48 -0.48
C VAL A 39 5.53 2.99 -0.13
N VAL A 40 5.04 2.15 -1.04
CA VAL A 40 4.83 0.73 -0.73
C VAL A 40 6.15 -0.05 -0.69
N MET A 41 6.89 -0.05 -1.79
CA MET A 41 8.19 -0.73 -1.84
C MET A 41 9.19 -0.16 -0.82
N LYS A 42 9.24 1.16 -0.68
CA LYS A 42 10.07 1.79 0.36
C LYS A 42 9.78 1.22 1.75
N ALA A 43 8.52 1.18 2.17
CA ALA A 43 8.14 0.60 3.47
C ALA A 43 8.49 -0.89 3.59
N LEU A 44 8.17 -1.67 2.54
CA LEU A 44 8.37 -3.12 2.60
C LEU A 44 9.84 -3.55 2.56
N TRP A 45 10.62 -2.90 1.69
CA TRP A 45 12.02 -3.25 1.42
C TRP A 45 12.92 -3.18 2.65
N LYS A 46 12.67 -2.18 3.49
CA LYS A 46 13.53 -1.92 4.64
C LYS A 46 13.00 -2.53 5.94
N HIS A 47 11.87 -3.24 5.85
CA HIS A 47 11.26 -3.90 7.03
C HIS A 47 12.15 -5.03 7.54
N GLN A 48 12.11 -5.26 8.85
CA GLN A 48 12.95 -6.28 9.47
C GLN A 48 12.61 -7.72 9.04
N PHE A 49 11.41 -7.91 8.50
CA PHE A 49 10.96 -9.24 8.08
C PHE A 49 11.15 -9.46 6.58
N ALA A 50 11.66 -8.43 5.92
CA ALA A 50 11.80 -8.41 4.47
C ALA A 50 12.90 -9.28 3.88
N TRP A 51 13.94 -9.56 4.67
CA TRP A 51 15.15 -10.21 4.13
C TRP A 51 14.93 -11.52 3.33
N PRO A 52 14.02 -12.42 3.79
CA PRO A 52 13.77 -13.62 2.95
C PRO A 52 13.11 -13.34 1.59
N PHE A 53 12.61 -12.12 1.40
CA PHE A 53 11.84 -11.80 0.20
C PHE A 53 12.58 -10.87 -0.75
N ARG A 54 13.82 -10.53 -0.40
CA ARG A 54 14.55 -9.49 -1.15
C ARG A 54 15.14 -10.01 -2.47
N GLN A 55 15.21 -11.32 -2.59
CA GLN A 55 15.79 -11.97 -3.76
C GLN A 55 15.02 -13.28 -4.02
N PRO A 56 15.08 -13.80 -5.27
CA PRO A 56 14.40 -15.04 -5.59
C PRO A 56 14.72 -16.18 -4.61
N VAL A 57 13.70 -16.99 -4.35
CA VAL A 57 13.89 -18.22 -3.59
C VAL A 57 14.96 -19.07 -4.28
N ASP A 58 16.04 -19.33 -3.57
CA ASP A 58 17.12 -20.16 -4.11
C ASP A 58 16.96 -21.57 -3.56
N ALA A 59 16.32 -22.43 -4.33
CA ALA A 59 15.90 -23.76 -3.89
C ALA A 59 17.07 -24.70 -3.55
N VAL A 60 18.20 -24.56 -4.24
CA VAL A 60 19.42 -25.33 -3.96
C VAL A 60 20.00 -24.91 -2.59
N LYS A 61 20.24 -23.61 -2.44
CA LYS A 61 20.70 -23.04 -1.17
C LYS A 61 19.80 -23.42 0.00
N LEU A 62 18.48 -23.31 -0.19
CA LEU A 62 17.53 -23.54 0.89
C LEU A 62 17.16 -25.01 1.06
N GLY A 63 17.68 -25.87 0.19
CA GLY A 63 17.47 -27.30 0.31
C GLY A 63 16.02 -27.71 0.11
N LEU A 64 15.39 -27.11 -0.89
CA LEU A 64 13.98 -27.33 -1.18
C LEU A 64 13.78 -27.87 -2.61
N PRO A 65 14.04 -29.18 -2.83
CA PRO A 65 14.03 -29.74 -4.21
C PRO A 65 12.67 -29.76 -4.90
N ASP A 66 11.60 -29.59 -4.13
CA ASP A 66 10.25 -29.60 -4.70
C ASP A 66 9.70 -28.19 -4.92
N TYR A 67 10.46 -27.16 -4.55
CA TYR A 67 9.95 -25.78 -4.57
C TYR A 67 9.35 -25.35 -5.93
N HIS A 68 10.13 -25.49 -7.00
CA HIS A 68 9.69 -25.12 -8.34
C HIS A 68 8.67 -26.07 -8.96
N LYS A 69 8.51 -27.27 -8.39
CA LYS A 69 7.44 -28.20 -8.78
C LYS A 69 6.09 -27.73 -8.28
N ILE A 70 6.08 -27.11 -7.10
CA ILE A 70 4.84 -26.64 -6.47
C ILE A 70 4.56 -25.20 -6.88
N ILE A 71 5.61 -24.36 -6.89
CA ILE A 71 5.49 -22.95 -7.23
C ILE A 71 5.93 -22.63 -8.67
N LYS A 72 4.98 -22.22 -9.50
CA LYS A 72 5.20 -22.11 -10.95
C LYS A 72 5.54 -20.71 -11.43
N GLN A 73 5.17 -19.71 -10.63
CA GLN A 73 5.62 -18.34 -10.87
C GLN A 73 6.30 -17.79 -9.63
N PRO A 74 7.60 -18.09 -9.47
CA PRO A 74 8.32 -17.46 -8.35
C PRO A 74 8.28 -15.93 -8.49
N MET A 75 8.34 -15.23 -7.35
CA MET A 75 8.30 -13.78 -7.34
C MET A 75 8.93 -13.30 -6.03
N ASP A 76 9.53 -12.11 -6.07
CA ASP A 76 10.27 -11.56 -4.93
C ASP A 76 10.33 -10.05 -5.06
N MET A 77 10.68 -9.37 -3.97
N MET A 77 10.66 -9.39 -3.95
CA MET A 77 10.73 -7.90 -3.98
CA MET A 77 10.78 -7.94 -3.87
C MET A 77 11.92 -7.27 -4.70
C MET A 77 11.84 -7.38 -4.83
N GLY A 78 13.01 -8.03 -4.88
CA GLY A 78 14.11 -7.58 -5.76
C GLY A 78 13.64 -7.46 -7.19
N THR A 79 12.97 -8.51 -7.68
CA THR A 79 12.34 -8.43 -9.00
C THR A 79 11.33 -7.28 -9.10
N ILE A 80 10.39 -7.18 -8.16
CA ILE A 80 9.38 -6.13 -8.25
C ILE A 80 10.05 -4.73 -8.24
N LYS A 81 11.06 -4.56 -7.39
CA LYS A 81 11.80 -3.30 -7.29
C LYS A 81 12.53 -2.97 -8.59
N ARG A 82 13.27 -3.95 -9.11
CA ARG A 82 13.96 -3.80 -10.37
C ARG A 82 12.99 -3.37 -11.46
N ARG A 83 11.84 -4.05 -11.52
CA ARG A 83 10.75 -3.69 -12.45
C ARG A 83 10.19 -2.29 -12.29
N LEU A 84 10.05 -1.82 -11.05
CA LEU A 84 9.59 -0.47 -10.80
C LEU A 84 10.64 0.53 -11.28
N GLU A 85 11.90 0.27 -10.94
CA GLU A 85 13.02 1.09 -11.37
C GLU A 85 13.15 1.20 -12.90
N ASN A 86 12.95 0.09 -13.61
CA ASN A 86 13.09 0.05 -15.07
C ASN A 86 11.79 0.21 -15.86
N ASN A 87 10.79 0.84 -15.25
CA ASN A 87 9.46 1.08 -15.88
C ASN A 87 8.87 -0.10 -16.67
N TYR A 88 8.96 -1.30 -16.09
CA TYR A 88 8.46 -2.52 -16.68
C TYR A 88 6.94 -2.60 -16.70
N TYR A 89 6.31 -2.08 -15.64
CA TYR A 89 4.86 -2.16 -15.47
C TYR A 89 4.12 -1.10 -16.30
N TRP A 90 3.02 -1.52 -16.92
CA TRP A 90 2.15 -0.60 -17.65
C TRP A 90 0.98 -0.11 -16.80
N ALA A 91 0.73 -0.78 -15.69
CA ALA A 91 -0.38 -0.44 -14.79
C ALA A 91 -0.03 -0.79 -13.34
N ALA A 92 -0.62 -0.09 -12.37
CA ALA A 92 -0.39 -0.36 -10.95
C ALA A 92 -0.83 -1.77 -10.55
N SER A 93 -1.97 -2.18 -11.09
CA SER A 93 -2.53 -3.49 -10.80
C SER A 93 -1.60 -4.65 -11.17
N GLU A 94 -0.71 -4.41 -12.15
N GLU A 94 -0.71 -4.41 -12.15
CA GLU A 94 0.28 -5.41 -12.57
CA GLU A 94 0.28 -5.41 -12.56
C GLU A 94 1.38 -5.59 -11.51
C GLU A 94 1.36 -5.60 -11.50
N CYS A 95 1.80 -4.48 -10.91
CA CYS A 95 2.75 -4.50 -9.79
C CYS A 95 2.09 -5.13 -8.56
N MET A 96 0.84 -4.75 -8.29
CA MET A 96 0.08 -5.32 -7.17
C MET A 96 -0.03 -6.85 -7.21
N GLN A 97 -0.29 -7.39 -8.41
CA GLN A 97 -0.36 -8.83 -8.63
C GLN A 97 0.97 -9.50 -8.31
N ASP A 98 2.07 -8.87 -8.71
CA ASP A 98 3.39 -9.42 -8.39
C ASP A 98 3.59 -9.51 -6.88
N PHE A 99 3.28 -8.41 -6.18
CA PHE A 99 3.39 -8.44 -4.72
C PHE A 99 2.55 -9.58 -4.18
N ASN A 100 1.32 -9.68 -4.67
CA ASN A 100 0.39 -10.71 -4.27
C ASN A 100 0.86 -12.14 -4.59
N THR A 101 1.32 -12.38 -5.79
CA THR A 101 1.95 -13.67 -6.12
C THR A 101 3.07 -14.02 -5.14
N MET A 102 3.92 -13.05 -4.82
CA MET A 102 5.01 -13.32 -3.89
C MET A 102 4.52 -13.87 -2.54
N PHE A 103 3.50 -13.21 -1.97
CA PHE A 103 2.94 -13.65 -0.68
C PHE A 103 2.17 -14.98 -0.81
N THR A 104 1.40 -15.11 -1.89
CA THR A 104 0.63 -16.31 -2.13
C THR A 104 1.52 -17.56 -2.26
N ASN A 105 2.60 -17.47 -3.05
CA ASN A 105 3.60 -18.54 -3.12
C ASN A 105 4.03 -18.99 -1.74
N CYS A 106 4.31 -18.03 -0.88
CA CYS A 106 4.79 -18.30 0.45
C CYS A 106 3.78 -19.12 1.26
N TYR A 107 2.51 -18.72 1.23
CA TYR A 107 1.47 -19.43 1.98
C TYR A 107 1.16 -20.81 1.43
N ILE A 108 1.25 -20.94 0.12
CA ILE A 108 0.96 -22.19 -0.58
C ILE A 108 2.09 -23.20 -0.33
N TYR A 109 3.34 -22.76 -0.44
CA TYR A 109 4.45 -23.70 -0.33
C TYR A 109 4.74 -24.14 1.11
N ASN A 110 4.69 -23.19 2.04
CA ASN A 110 5.17 -23.44 3.41
C ASN A 110 4.14 -24.07 4.33
N LYS A 111 4.62 -24.71 5.39
CA LYS A 111 3.73 -25.29 6.43
C LYS A 111 3.08 -24.14 7.16
N PRO A 112 1.81 -24.30 7.55
CA PRO A 112 1.07 -23.26 8.28
C PRO A 112 1.82 -22.69 9.51
N THR A 113 2.68 -23.50 10.12
CA THR A 113 3.31 -23.11 11.39
C THR A 113 4.69 -22.49 11.24
N ASP A 114 5.23 -22.51 10.01
CA ASP A 114 6.52 -21.90 9.72
C ASP A 114 6.49 -20.40 9.98
N ASP A 115 7.62 -19.88 10.44
CA ASP A 115 7.77 -18.46 10.77
C ASP A 115 7.67 -17.54 9.55
N ILE A 116 8.17 -18.03 8.41
CA ILE A 116 8.11 -17.31 7.13
C ILE A 116 6.68 -16.86 6.78
N VAL A 117 5.71 -17.73 7.08
CA VAL A 117 4.30 -17.40 6.87
C VAL A 117 3.88 -16.20 7.70
N LEU A 118 4.31 -16.18 8.97
N LEU A 118 4.32 -16.19 8.97
CA LEU A 118 4.07 -15.06 9.87
CA LEU A 118 4.06 -15.08 9.87
C LEU A 118 4.69 -13.79 9.33
C LEU A 118 4.69 -13.79 9.36
N MET A 119 5.93 -13.89 8.86
CA MET A 119 6.66 -12.76 8.31
C MET A 119 5.97 -12.21 7.04
N ALA A 120 5.57 -13.12 6.16
CA ALA A 120 4.75 -12.75 5.00
C ALA A 120 3.42 -12.10 5.40
N GLN A 121 2.69 -12.67 6.38
CA GLN A 121 1.43 -12.05 6.82
C GLN A 121 1.62 -10.59 7.28
N THR A 122 2.75 -10.32 7.95
CA THR A 122 3.07 -8.99 8.51
C THR A 122 3.38 -7.98 7.41
N LEU A 123 4.22 -8.38 6.45
CA LEU A 123 4.52 -7.55 5.29
C LEU A 123 3.26 -7.28 4.47
N GLU A 124 2.45 -8.32 4.26
CA GLU A 124 1.27 -8.14 3.42
C GLU A 124 0.25 -7.17 4.02
N LYS A 125 0.15 -7.15 5.36
CA LYS A 125 -0.72 -6.19 6.04
C LYS A 125 -0.31 -4.76 5.75
N ILE A 126 1.00 -4.50 5.72
CA ILE A 126 1.53 -3.17 5.41
C ILE A 126 1.24 -2.82 3.95
N PHE A 127 1.43 -3.81 3.08
CA PHE A 127 1.09 -3.68 1.65
C PHE A 127 -0.36 -3.19 1.49
N LEU A 128 -1.30 -3.90 2.09
CA LEU A 128 -2.72 -3.55 1.99
C LEU A 128 -3.05 -2.20 2.61
N GLN A 129 -2.49 -1.93 3.80
CA GLN A 129 -2.62 -0.64 4.46
C GLN A 129 -2.20 0.49 3.52
N LYS A 130 -1.03 0.37 2.91
CA LYS A 130 -0.53 1.42 2.02
C LYS A 130 -1.33 1.48 0.72
N VAL A 131 -1.69 0.30 0.21
CA VAL A 131 -2.45 0.23 -1.03
C VAL A 131 -3.82 0.90 -0.92
N ALA A 132 -4.43 0.85 0.26
CA ALA A 132 -5.71 1.54 0.54
C ALA A 132 -5.66 3.09 0.38
N SER A 133 -4.45 3.66 0.36
CA SER A 133 -4.23 5.11 0.25
C SER A 133 -3.57 5.51 -1.08
N MET A 134 -3.54 4.59 -2.04
CA MET A 134 -2.95 4.84 -3.35
C MET A 134 -3.86 5.75 -4.19
N PRO A 135 -3.27 6.66 -5.00
CA PRO A 135 -4.03 7.48 -5.96
C PRO A 135 -4.97 6.61 -6.82
N GLN A 136 -6.19 7.09 -7.07
CA GLN A 136 -7.28 6.24 -7.60
C GLN A 136 -7.34 6.12 -9.12
N GLU A 137 -7.09 7.24 -9.81
CA GLU A 137 -7.19 7.31 -11.26
C GLU A 137 -5.82 7.25 -11.88
N GLU A 138 -5.49 6.09 -12.44
CA GLU A 138 -4.21 5.89 -13.07
C GLU A 138 -4.08 6.70 -14.34
N GLN A 139 -3.39 7.84 -14.24
CA GLN A 139 -3.10 8.68 -15.39
C GLN A 139 -1.60 8.68 -15.67
N GLU A 140 -1.25 8.60 -16.95
CA GLU A 140 0.12 8.46 -17.38
C GLU A 140 0.93 9.74 -17.16
N GLY B 27 -17.70 1.70 14.31
CA GLY B 27 -17.37 2.09 12.91
C GLY B 27 -18.22 3.21 12.32
N ARG B 28 -18.09 3.43 11.02
CA ARG B 28 -18.79 4.49 10.30
C ARG B 28 -19.07 4.09 8.84
N VAL B 29 -19.53 5.07 8.05
CA VAL B 29 -19.73 4.91 6.60
C VAL B 29 -18.76 5.83 5.87
N THR B 30 -18.00 5.28 4.92
CA THR B 30 -17.07 6.09 4.14
C THR B 30 -17.26 5.81 2.65
N ASN B 31 -16.69 6.68 1.82
CA ASN B 31 -16.70 6.49 0.38
C ASN B 31 -16.01 5.17 -0.02
N GLN B 32 -14.91 4.87 0.65
CA GLN B 32 -14.13 3.65 0.39
C GLN B 32 -14.89 2.37 0.76
N LEU B 33 -15.58 2.38 1.92
CA LEU B 33 -16.33 1.22 2.40
C LEU B 33 -17.60 0.92 1.58
N GLN B 34 -18.29 1.99 1.17
CA GLN B 34 -19.37 1.89 0.17
C GLN B 34 -18.84 1.25 -1.11
N TYR B 35 -17.69 1.72 -1.59
CA TYR B 35 -17.04 1.15 -2.77
C TYR B 35 -16.74 -0.35 -2.58
N LEU B 36 -16.15 -0.71 -1.44
CA LEU B 36 -15.83 -2.11 -1.15
C LEU B 36 -17.09 -2.96 -1.09
N HIS B 37 -18.19 -2.37 -0.62
CA HIS B 37 -19.46 -3.07 -0.53
C HIS B 37 -20.16 -3.22 -1.90
N LYS B 38 -20.37 -2.09 -2.58
CA LYS B 38 -21.18 -2.06 -3.80
C LYS B 38 -20.42 -2.40 -5.07
N VAL B 39 -19.12 -2.17 -5.09
CA VAL B 39 -18.36 -2.44 -6.30
C VAL B 39 -17.51 -3.70 -6.15
N VAL B 40 -16.62 -3.74 -5.16
CA VAL B 40 -15.74 -4.91 -4.99
C VAL B 40 -16.50 -6.17 -4.55
N MET B 41 -17.20 -6.12 -3.43
CA MET B 41 -17.88 -7.30 -2.89
C MET B 41 -18.94 -7.85 -3.84
N LYS B 42 -19.72 -6.96 -4.47
CA LYS B 42 -20.77 -7.39 -5.40
C LYS B 42 -20.21 -8.20 -6.58
N ALA B 43 -19.10 -7.72 -7.15
CA ALA B 43 -18.40 -8.43 -8.22
C ALA B 43 -17.88 -9.80 -7.75
N LEU B 44 -17.17 -9.81 -6.63
CA LEU B 44 -16.68 -11.05 -6.07
C LEU B 44 -17.79 -12.04 -5.77
N TRP B 45 -18.87 -11.55 -5.16
CA TRP B 45 -19.95 -12.40 -4.65
C TRP B 45 -20.62 -13.22 -5.74
N LYS B 46 -20.83 -12.59 -6.90
CA LYS B 46 -21.57 -13.18 -8.04
C LYS B 46 -20.69 -14.10 -8.88
N HIS B 47 -19.39 -14.06 -8.65
CA HIS B 47 -18.44 -14.83 -9.45
C HIS B 47 -18.71 -16.32 -9.34
N GLN B 48 -18.53 -17.04 -10.45
CA GLN B 48 -18.74 -18.46 -10.50
C GLN B 48 -17.85 -19.27 -9.55
N PHE B 49 -16.73 -18.72 -9.09
CA PHE B 49 -15.87 -19.44 -8.15
C PHE B 49 -16.16 -19.10 -6.68
N ALA B 50 -17.15 -18.22 -6.44
CA ALA B 50 -17.33 -17.58 -5.14
C ALA B 50 -18.07 -18.40 -4.10
N TRP B 51 -18.87 -19.38 -4.53
CA TRP B 51 -19.77 -20.13 -3.64
C TRP B 51 -19.15 -20.73 -2.36
N PRO B 52 -17.93 -21.31 -2.45
CA PRO B 52 -17.38 -21.85 -1.22
C PRO B 52 -16.96 -20.77 -0.21
N PHE B 53 -16.93 -19.50 -0.65
CA PHE B 53 -16.42 -18.40 0.15
C PHE B 53 -17.54 -17.50 0.71
N ARG B 54 -18.78 -17.77 0.35
CA ARG B 54 -19.92 -16.91 0.74
C ARG B 54 -20.42 -17.12 2.16
N GLN B 55 -20.06 -18.24 2.78
CA GLN B 55 -20.43 -18.54 4.16
C GLN B 55 -19.20 -19.11 4.86
N PRO B 56 -19.20 -19.12 6.22
CA PRO B 56 -18.06 -19.70 6.95
C PRO B 56 -17.79 -21.15 6.55
N VAL B 57 -16.54 -21.57 6.63
CA VAL B 57 -16.16 -22.97 6.47
C VAL B 57 -16.84 -23.78 7.57
N ASP B 58 -17.68 -24.73 7.17
CA ASP B 58 -18.32 -25.64 8.10
C ASP B 58 -17.45 -26.88 8.19
N ALA B 59 -16.58 -26.89 9.20
CA ALA B 59 -15.56 -27.93 9.35
C ALA B 59 -16.16 -29.32 9.63
N VAL B 60 -17.32 -29.33 10.26
CA VAL B 60 -18.09 -30.54 10.58
C VAL B 60 -18.81 -31.09 9.33
N LYS B 61 -19.56 -30.23 8.64
CA LYS B 61 -20.28 -30.57 7.41
C LYS B 61 -19.37 -30.92 6.24
N LEU B 62 -18.07 -30.59 6.34
CA LEU B 62 -17.10 -30.92 5.30
C LEU B 62 -16.11 -32.00 5.74
N GLY B 63 -16.25 -32.47 6.97
CA GLY B 63 -15.34 -33.47 7.51
C GLY B 63 -13.90 -33.00 7.56
N LEU B 64 -13.67 -31.91 8.28
CA LEU B 64 -12.32 -31.35 8.45
C LEU B 64 -12.07 -31.04 9.94
N PRO B 65 -11.80 -32.09 10.75
CA PRO B 65 -11.61 -31.95 12.20
C PRO B 65 -10.39 -31.11 12.56
N ASP B 66 -9.43 -31.04 11.64
CA ASP B 66 -8.22 -30.23 11.83
C ASP B 66 -8.33 -28.75 11.42
N TYR B 67 -9.44 -28.36 10.80
CA TYR B 67 -9.53 -27.00 10.21
C TYR B 67 -9.30 -25.87 11.22
N HIS B 68 -9.98 -25.92 12.35
CA HIS B 68 -9.87 -24.85 13.36
C HIS B 68 -8.62 -24.95 14.20
N LYS B 69 -7.94 -26.09 14.14
CA LYS B 69 -6.61 -26.26 14.73
C LYS B 69 -5.56 -25.53 13.93
N ILE B 70 -5.78 -25.41 12.61
CA ILE B 70 -4.82 -24.77 11.72
C ILE B 70 -5.18 -23.29 11.44
N ILE B 71 -6.46 -23.05 11.20
CA ILE B 71 -6.96 -21.71 10.91
C ILE B 71 -7.57 -21.11 12.18
N LYS B 72 -6.88 -20.15 12.77
CA LYS B 72 -7.27 -19.60 14.06
C LYS B 72 -8.19 -18.40 13.91
N GLN B 73 -8.20 -17.82 12.71
CA GLN B 73 -9.08 -16.71 12.39
C GLN B 73 -9.89 -16.96 11.13
N PRO B 74 -11.02 -17.68 11.25
CA PRO B 74 -11.89 -17.91 10.11
C PRO B 74 -12.46 -16.61 9.57
N MET B 75 -12.61 -16.54 8.24
CA MET B 75 -13.19 -15.38 7.59
C MET B 75 -13.83 -15.84 6.27
N ASP B 76 -14.88 -15.14 5.86
CA ASP B 76 -15.65 -15.47 4.66
C ASP B 76 -16.36 -14.21 4.20
N MET B 77 -16.80 -14.18 2.94
N MET B 77 -16.78 -14.20 2.94
CA MET B 77 -17.40 -12.97 2.37
CA MET B 77 -17.43 -13.03 2.32
C MET B 77 -18.77 -12.63 2.95
C MET B 77 -18.72 -12.63 3.04
N GLY B 78 -19.45 -13.62 3.53
CA GLY B 78 -20.75 -13.39 4.18
C GLY B 78 -20.54 -12.61 5.48
N THR B 79 -19.50 -12.99 6.23
CA THR B 79 -19.09 -12.26 7.42
C THR B 79 -18.68 -10.84 7.04
N ILE B 80 -17.86 -10.69 5.99
CA ILE B 80 -17.39 -9.38 5.56
C ILE B 80 -18.57 -8.51 5.09
N LYS B 81 -19.43 -9.09 4.26
CA LYS B 81 -20.67 -8.43 3.81
C LYS B 81 -21.51 -7.92 4.98
N ARG B 82 -21.75 -8.79 5.98
CA ARG B 82 -22.58 -8.40 7.13
C ARG B 82 -21.91 -7.29 7.92
N ARG B 83 -20.58 -7.34 8.02
CA ARG B 83 -19.81 -6.30 8.70
C ARG B 83 -19.92 -4.94 8.00
N LEU B 84 -19.95 -4.95 6.67
CA LEU B 84 -20.17 -3.74 5.89
C LEU B 84 -21.61 -3.20 6.05
N GLU B 85 -22.60 -4.09 6.09
CA GLU B 85 -24.02 -3.71 6.26
C GLU B 85 -24.35 -3.14 7.67
N ASN B 86 -23.60 -3.58 8.68
CA ASN B 86 -23.81 -3.14 10.06
C ASN B 86 -22.85 -2.03 10.54
N ASN B 87 -22.10 -1.44 9.59
CA ASN B 87 -21.15 -0.37 9.88
C ASN B 87 -20.03 -0.74 10.87
N TYR B 88 -19.61 -1.99 10.81
CA TYR B 88 -18.60 -2.51 11.73
C TYR B 88 -17.20 -1.91 11.51
N TYR B 89 -16.85 -1.67 10.25
CA TYR B 89 -15.51 -1.18 9.92
C TYR B 89 -15.38 0.33 10.11
N TRP B 90 -14.22 0.74 10.61
CA TRP B 90 -13.93 2.16 10.79
C TRP B 90 -13.18 2.73 9.58
N ALA B 91 -12.45 1.85 8.88
CA ALA B 91 -11.65 2.24 7.74
C ALA B 91 -11.59 1.13 6.69
N ALA B 92 -11.41 1.52 5.43
CA ALA B 92 -11.37 0.61 4.30
C ALA B 92 -10.34 -0.51 4.47
N SER B 93 -9.15 -0.18 4.99
CA SER B 93 -8.05 -1.14 5.16
C SER B 93 -8.42 -2.29 6.11
N GLU B 94 -9.26 -2.00 7.11
CA GLU B 94 -9.77 -3.02 8.02
C GLU B 94 -10.58 -4.09 7.27
N CYS B 95 -11.43 -3.63 6.36
CA CYS B 95 -12.22 -4.52 5.52
C CYS B 95 -11.32 -5.29 4.54
N MET B 96 -10.35 -4.60 3.93
CA MET B 96 -9.33 -5.23 3.08
C MET B 96 -8.54 -6.33 3.79
N GLN B 97 -8.24 -6.11 5.07
N GLN B 97 -8.24 -6.11 5.07
CA GLN B 97 -7.51 -7.08 5.90
CA GLN B 97 -7.51 -7.09 5.88
C GLN B 97 -8.31 -8.36 6.03
C GLN B 97 -8.31 -8.37 6.06
N ASP B 98 -9.62 -8.21 6.24
CA ASP B 98 -10.54 -9.35 6.29
C ASP B 98 -10.59 -10.14 4.97
N PHE B 99 -10.69 -9.44 3.83
CA PHE B 99 -10.60 -10.16 2.55
C PHE B 99 -9.29 -10.95 2.48
N ASN B 100 -8.17 -10.32 2.88
CA ASN B 100 -6.86 -10.97 2.81
C ASN B 100 -6.80 -12.19 3.71
N THR B 101 -7.36 -12.07 4.91
CA THR B 101 -7.39 -13.20 5.84
C THR B 101 -8.14 -14.38 5.22
N MET B 102 -9.30 -14.10 4.61
CA MET B 102 -10.06 -15.12 3.94
C MET B 102 -9.20 -15.86 2.91
N PHE B 103 -8.57 -15.14 1.98
CA PHE B 103 -7.76 -15.81 0.96
C PHE B 103 -6.54 -16.51 1.58
N THR B 104 -5.93 -15.89 2.59
CA THR B 104 -4.76 -16.47 3.22
C THR B 104 -5.04 -17.81 3.89
N ASN B 105 -6.15 -17.88 4.64
CA ASN B 105 -6.62 -19.12 5.28
C ASN B 105 -6.74 -20.26 4.28
N CYS B 106 -7.35 -19.94 3.14
CA CYS B 106 -7.48 -20.91 2.06
C CYS B 106 -6.11 -21.44 1.59
N TYR B 107 -5.17 -20.53 1.29
CA TYR B 107 -3.83 -20.97 0.80
C TYR B 107 -3.07 -21.78 1.85
N ILE B 108 -3.24 -21.39 3.11
CA ILE B 108 -2.53 -21.99 4.23
C ILE B 108 -3.04 -23.39 4.54
N TYR B 109 -4.36 -23.55 4.55
CA TYR B 109 -4.93 -24.82 4.97
C TYR B 109 -4.95 -25.90 3.88
N ASN B 110 -5.25 -25.50 2.64
CA ASN B 110 -5.44 -26.48 1.57
C ASN B 110 -4.14 -26.90 0.91
N LYS B 111 -4.19 -28.01 0.19
CA LYS B 111 -3.04 -28.53 -0.56
C LYS B 111 -2.90 -27.65 -1.79
N PRO B 112 -1.66 -27.36 -2.19
CA PRO B 112 -1.34 -26.50 -3.34
C PRO B 112 -2.12 -26.87 -4.60
N THR B 113 -2.37 -28.17 -4.78
CA THR B 113 -2.99 -28.66 -6.00
C THR B 113 -4.53 -28.66 -5.95
N ASP B 114 -5.09 -28.33 -4.80
CA ASP B 114 -6.55 -28.30 -4.67
C ASP B 114 -7.17 -27.21 -5.52
N ASP B 115 -8.32 -27.53 -6.12
CA ASP B 115 -9.10 -26.57 -6.93
C ASP B 115 -9.44 -25.27 -6.20
N ILE B 116 -9.82 -25.40 -4.93
CA ILE B 116 -10.17 -24.24 -4.09
C ILE B 116 -9.05 -23.21 -4.09
N VAL B 117 -7.79 -23.65 -4.15
CA VAL B 117 -6.66 -22.72 -4.20
C VAL B 117 -6.68 -21.86 -5.47
N LEU B 118 -6.93 -22.51 -6.60
N LEU B 118 -6.92 -22.49 -6.62
CA LEU B 118 -7.05 -21.83 -7.89
CA LEU B 118 -7.04 -21.78 -7.89
C LEU B 118 -8.23 -20.86 -7.88
C LEU B 118 -8.23 -20.82 -7.85
N MET B 119 -9.32 -21.28 -7.26
CA MET B 119 -10.54 -20.47 -7.10
C MET B 119 -10.29 -19.21 -6.27
N ALA B 120 -9.61 -19.37 -5.13
CA ALA B 120 -9.15 -18.20 -4.33
C ALA B 120 -8.22 -17.24 -5.10
N GLN B 121 -7.22 -17.78 -5.79
CA GLN B 121 -6.30 -16.92 -6.57
C GLN B 121 -7.06 -16.07 -7.61
N THR B 122 -7.99 -16.69 -8.32
CA THR B 122 -8.80 -15.98 -9.32
C THR B 122 -9.60 -14.87 -8.64
N LEU B 123 -10.27 -15.20 -7.53
CA LEU B 123 -11.07 -14.18 -6.86
C LEU B 123 -10.18 -13.10 -6.29
N GLU B 124 -9.00 -13.49 -5.80
CA GLU B 124 -8.07 -12.53 -5.16
C GLU B 124 -7.54 -11.52 -6.17
N LYS B 125 -7.27 -11.99 -7.40
CA LYS B 125 -6.82 -11.09 -8.46
C LYS B 125 -7.89 -10.05 -8.81
N ILE B 126 -9.16 -10.45 -8.83
CA ILE B 126 -10.24 -9.48 -9.10
C ILE B 126 -10.29 -8.45 -8.00
N PHE B 127 -10.23 -8.94 -6.76
CA PHE B 127 -10.15 -8.08 -5.58
C PHE B 127 -9.06 -7.02 -5.73
N LEU B 128 -7.83 -7.42 -6.04
CA LEU B 128 -6.74 -6.45 -6.16
C LEU B 128 -6.98 -5.44 -7.30
N GLN B 129 -7.47 -5.93 -8.44
CA GLN B 129 -7.82 -5.08 -9.59
C GLN B 129 -8.82 -4.00 -9.21
N LYS B 130 -9.90 -4.41 -8.57
CA LYS B 130 -10.95 -3.48 -8.15
C LYS B 130 -10.50 -2.54 -7.02
N VAL B 131 -9.66 -3.05 -6.13
CA VAL B 131 -9.09 -2.22 -5.06
C VAL B 131 -8.19 -1.10 -5.60
N ALA B 132 -7.53 -1.36 -6.73
CA ALA B 132 -6.66 -0.37 -7.37
C ALA B 132 -7.44 0.88 -7.82
N SER B 133 -8.74 0.71 -8.07
CA SER B 133 -9.61 1.81 -8.51
C SER B 133 -10.47 2.45 -7.41
N MET B 134 -10.13 2.20 -6.15
CA MET B 134 -10.88 2.74 -5.03
C MET B 134 -10.51 4.22 -4.81
N PRO B 135 -11.50 5.08 -4.46
CA PRO B 135 -11.28 6.51 -4.13
C PRO B 135 -10.12 6.75 -3.14
N GLN B 136 -9.20 7.67 -3.47
CA GLN B 136 -7.88 7.74 -2.80
C GLN B 136 -7.88 8.28 -1.36
N GLU B 137 -8.79 9.20 -1.06
CA GLU B 137 -8.87 9.79 0.27
C GLU B 137 -10.15 9.34 0.96
N GLU B 138 -9.99 8.68 2.10
CA GLU B 138 -11.10 8.17 2.88
C GLU B 138 -11.87 9.30 3.56
N GLN B 139 -13.10 9.53 3.09
CA GLN B 139 -13.95 10.59 3.61
C GLN B 139 -15.28 10.03 4.10
N GLU B 140 -15.58 10.32 5.37
CA GLU B 140 -16.83 9.91 5.99
C GLU B 140 -18.03 10.67 5.42
N THR C 30 15.47 29.23 20.42
CA THR C 30 14.66 29.34 19.17
C THR C 30 13.33 28.59 19.32
N ASN C 31 12.39 29.20 20.04
CA ASN C 31 11.10 28.58 20.35
C ASN C 31 10.19 28.36 19.12
N GLN C 32 10.24 29.29 18.16
CA GLN C 32 9.49 29.18 16.90
C GLN C 32 10.01 28.06 16.00
N LEU C 33 11.34 27.98 15.85
CA LEU C 33 11.97 26.91 15.07
C LEU C 33 11.70 25.51 15.68
N GLN C 34 11.75 25.43 17.00
CA GLN C 34 11.40 24.21 17.73
C GLN C 34 9.97 23.79 17.39
N TYR C 35 9.06 24.77 17.42
CA TYR C 35 7.66 24.55 17.13
C TYR C 35 7.49 24.08 15.69
N LEU C 36 8.17 24.73 14.76
CA LEU C 36 8.18 24.35 13.34
C LEU C 36 8.75 22.95 13.10
N HIS C 37 9.74 22.56 13.89
CA HIS C 37 10.26 21.21 13.79
C HIS C 37 9.31 20.21 14.48
N LYS C 38 9.01 20.48 15.75
CA LYS C 38 8.30 19.54 16.62
C LYS C 38 6.79 19.43 16.39
N VAL C 39 6.17 20.47 15.86
CA VAL C 39 4.74 20.44 15.56
C VAL C 39 4.45 20.49 14.05
N VAL C 40 5.00 21.49 13.37
CA VAL C 40 4.67 21.71 11.97
C VAL C 40 5.20 20.60 11.05
N MET C 41 6.52 20.39 11.03
CA MET C 41 7.08 19.30 10.24
C MET C 41 6.50 17.91 10.60
N LYS C 42 6.42 17.63 11.90
CA LYS C 42 5.86 16.36 12.40
C LYS C 42 4.52 16.00 11.79
N ALA C 43 3.60 16.97 11.77
CA ALA C 43 2.29 16.82 11.14
C ALA C 43 2.38 16.67 9.61
N LEU C 44 3.21 17.47 8.95
CA LEU C 44 3.29 17.43 7.48
C LEU C 44 4.01 16.18 6.96
N TRP C 45 5.09 15.79 7.63
CA TRP C 45 5.94 14.69 7.18
C TRP C 45 5.25 13.32 7.12
N LYS C 46 4.36 13.07 8.09
CA LYS C 46 3.67 11.77 8.19
C LYS C 46 2.34 11.78 7.43
N HIS C 47 1.91 12.96 6.99
CA HIS C 47 0.64 13.12 6.28
C HIS C 47 0.67 12.25 5.02
N GLN C 48 -0.51 11.77 4.60
CA GLN C 48 -0.60 10.83 3.47
C GLN C 48 -0.20 11.46 2.14
N PHE C 49 -0.38 12.78 2.05
CA PHE C 49 -0.06 13.53 0.83
C PHE C 49 1.41 13.96 0.75
N ALA C 50 2.16 13.75 1.84
CA ALA C 50 3.57 14.13 1.93
C ALA C 50 4.52 13.47 0.93
N TRP C 51 4.28 12.22 0.56
CA TRP C 51 5.30 11.41 -0.15
C TRP C 51 6.01 12.05 -1.37
N PRO C 52 5.26 12.74 -2.25
CA PRO C 52 6.00 13.29 -3.40
C PRO C 52 6.88 14.49 -3.02
N PHE C 53 6.72 14.98 -1.80
CA PHE C 53 7.46 16.16 -1.31
C PHE C 53 8.62 15.84 -0.38
N ARG C 54 8.78 14.57 -0.02
CA ARG C 54 9.78 14.16 0.97
C ARG C 54 11.25 14.28 0.52
N GLN C 55 11.46 14.37 -0.79
CA GLN C 55 12.82 14.46 -1.34
C GLN C 55 12.84 15.38 -2.58
N PRO C 56 14.03 15.89 -2.96
CA PRO C 56 14.13 16.80 -4.09
C PRO C 56 13.50 16.23 -5.36
N VAL C 57 12.89 17.10 -6.15
CA VAL C 57 12.40 16.71 -7.46
C VAL C 57 13.62 16.27 -8.28
N ASP C 58 13.59 15.01 -8.71
CA ASP C 58 14.59 14.46 -9.61
C ASP C 58 14.00 14.53 -11.02
N ALA C 59 14.40 15.55 -11.77
CA ALA C 59 13.88 15.80 -13.12
C ALA C 59 14.29 14.71 -14.14
N VAL C 60 15.40 14.02 -13.88
CA VAL C 60 15.83 12.89 -14.70
C VAL C 60 14.89 11.68 -14.53
N LYS C 61 14.74 11.20 -13.30
CA LYS C 61 14.00 9.96 -13.02
C LYS C 61 12.49 10.10 -13.22
N LEU C 62 11.99 11.34 -13.15
CA LEU C 62 10.57 11.60 -13.36
C LEU C 62 10.28 11.97 -14.80
N GLY C 63 11.35 12.19 -15.57
CA GLY C 63 11.27 12.61 -16.96
C GLY C 63 10.65 13.99 -17.09
N LEU C 64 11.36 15.01 -16.60
CA LEU C 64 10.91 16.39 -16.67
C LEU C 64 12.06 17.31 -17.08
N PRO C 65 12.50 17.25 -18.36
CA PRO C 65 13.68 18.00 -18.83
C PRO C 65 13.63 19.53 -18.65
N ASP C 66 12.44 20.10 -18.55
CA ASP C 66 12.30 21.55 -18.37
C ASP C 66 12.14 22.00 -16.91
N TYR C 67 11.96 21.04 -15.99
CA TYR C 67 11.75 21.37 -14.57
C TYR C 67 12.71 22.44 -14.06
N HIS C 68 14.01 22.25 -14.26
CA HIS C 68 15.01 23.18 -13.73
C HIS C 68 15.16 24.47 -14.56
N LYS C 69 14.60 24.46 -15.77
CA LYS C 69 14.51 25.71 -16.56
C LYS C 69 13.38 26.60 -16.05
N ILE C 70 12.29 25.98 -15.61
CA ILE C 70 11.12 26.71 -15.11
C ILE C 70 11.29 27.06 -13.63
N ILE C 71 11.66 26.06 -12.83
CA ILE C 71 11.82 26.24 -11.39
C ILE C 71 13.25 26.65 -11.00
N LYS C 72 13.38 27.83 -10.41
CA LYS C 72 14.67 28.42 -10.10
C LYS C 72 15.26 27.94 -8.77
N GLN C 73 14.43 27.84 -7.73
CA GLN C 73 14.88 27.41 -6.39
C GLN C 73 14.11 26.18 -5.91
N PRO C 74 14.62 24.98 -6.27
CA PRO C 74 14.01 23.74 -5.80
C PRO C 74 13.98 23.70 -4.27
N MET C 75 12.92 23.10 -3.71
CA MET C 75 12.79 22.88 -2.27
C MET C 75 11.94 21.66 -2.05
N ASP C 76 12.16 20.98 -0.93
CA ASP C 76 11.39 19.80 -0.57
C ASP C 76 11.40 19.62 0.95
N MET C 77 10.47 18.80 1.44
CA MET C 77 10.38 18.58 2.89
C MET C 77 11.59 17.89 3.49
N GLY C 78 12.28 17.06 2.71
CA GLY C 78 13.47 16.34 3.22
C GLY C 78 14.53 17.34 3.60
N THR C 79 14.79 18.27 2.69
CA THR C 79 15.72 19.38 2.92
C THR C 79 15.35 20.22 4.12
N ILE C 80 14.07 20.56 4.25
CA ILE C 80 13.66 21.43 5.35
C ILE C 80 13.82 20.69 6.67
N LYS C 81 13.43 19.42 6.68
CA LYS C 81 13.55 18.57 7.88
C LYS C 81 15.03 18.44 8.31
N ARG C 82 15.90 18.19 7.34
CA ARG C 82 17.34 18.08 7.62
C ARG C 82 17.87 19.40 8.18
N ARG C 83 17.42 20.51 7.60
CA ARG C 83 17.80 21.84 8.06
C ARG C 83 17.33 22.14 9.47
N LEU C 84 16.11 21.73 9.82
CA LEU C 84 15.59 21.87 11.20
C LEU C 84 16.41 21.03 12.19
N GLU C 85 16.60 19.75 11.85
CA GLU C 85 17.43 18.84 12.63
C GLU C 85 18.84 19.39 12.91
N ASN C 86 19.43 20.05 11.92
CA ASN C 86 20.83 20.47 12.00
C ASN C 86 21.04 21.91 12.45
N ASN C 87 19.96 22.58 12.87
CA ASN C 87 20.01 23.98 13.34
C ASN C 87 20.41 25.01 12.27
N TYR C 88 20.09 24.72 11.00
CA TYR C 88 20.46 25.61 9.89
C TYR C 88 19.82 27.01 9.94
N TYR C 89 18.51 27.08 10.23
CA TYR C 89 17.77 28.35 10.18
C TYR C 89 18.12 29.27 11.34
N TRP C 90 18.07 30.58 11.09
CA TRP C 90 18.26 31.60 12.12
C TRP C 90 16.95 32.16 12.63
N ALA C 91 15.98 32.27 11.72
CA ALA C 91 14.65 32.76 12.06
C ALA C 91 13.62 31.80 11.51
N ALA C 92 12.48 31.70 12.21
CA ALA C 92 11.33 30.92 11.76
C ALA C 92 10.89 31.29 10.35
N SER C 93 11.03 32.57 10.00
CA SER C 93 10.65 33.09 8.68
C SER C 93 11.35 32.37 7.53
N GLU C 94 12.63 32.04 7.70
CA GLU C 94 13.42 31.37 6.67
C GLU C 94 12.87 29.98 6.36
N CYS C 95 12.49 29.25 7.40
CA CYS C 95 11.86 27.95 7.29
C CYS C 95 10.50 28.09 6.60
N MET C 96 9.71 29.07 7.04
CA MET C 96 8.41 29.35 6.43
C MET C 96 8.55 29.65 4.94
N GLN C 97 9.54 30.47 4.59
N GLN C 97 9.53 30.46 4.58
CA GLN C 97 9.85 30.77 3.19
CA GLN C 97 9.78 30.73 3.17
C GLN C 97 10.17 29.50 2.40
C GLN C 97 10.13 29.46 2.39
N ASP C 98 10.81 28.52 3.06
CA ASP C 98 11.22 27.28 2.38
C ASP C 98 10.01 26.42 2.06
N PHE C 99 9.16 26.20 3.07
CA PHE C 99 7.86 25.59 2.81
C PHE C 99 7.12 26.27 1.66
N ASN C 100 7.00 27.60 1.73
CA ASN C 100 6.35 28.41 0.67
C ASN C 100 6.93 28.19 -0.72
N THR C 101 8.25 28.26 -0.84
CA THR C 101 8.94 28.02 -2.12
C THR C 101 8.57 26.63 -2.61
N MET C 102 8.56 25.66 -1.69
CA MET C 102 8.23 24.29 -2.08
C MET C 102 6.82 24.20 -2.66
N PHE C 103 5.82 24.75 -1.96
CA PHE C 103 4.45 24.72 -2.50
C PHE C 103 4.30 25.51 -3.79
N THR C 104 4.89 26.71 -3.84
CA THR C 104 4.83 27.56 -5.03
C THR C 104 5.44 26.88 -6.27
N ASN C 105 6.65 26.32 -6.16
CA ASN C 105 7.20 25.54 -7.27
C ASN C 105 6.18 24.55 -7.80
N CYS C 106 5.48 23.88 -6.89
CA CYS C 106 4.53 22.87 -7.29
C CYS C 106 3.35 23.45 -8.08
N TYR C 107 2.82 24.58 -7.61
CA TYR C 107 1.68 25.19 -8.27
C TYR C 107 2.08 25.70 -9.63
N ILE C 108 3.30 26.25 -9.72
CA ILE C 108 3.75 26.93 -10.93
C ILE C 108 4.06 25.93 -12.04
N TYR C 109 4.68 24.83 -11.65
CA TYR C 109 5.20 23.89 -12.63
C TYR C 109 4.14 22.95 -13.17
N ASN C 110 3.25 22.52 -12.29
CA ASN C 110 2.29 21.49 -12.65
C ASN C 110 1.00 22.05 -13.25
N LYS C 111 0.27 21.20 -13.97
CA LYS C 111 -1.04 21.55 -14.52
C LYS C 111 -2.07 21.76 -13.40
N PRO C 112 -2.99 22.73 -13.58
CA PRO C 112 -4.02 23.02 -12.59
C PRO C 112 -4.78 21.78 -12.18
N THR C 113 -4.95 20.84 -13.10
CA THR C 113 -5.77 19.65 -12.85
C THR C 113 -4.99 18.46 -12.25
N ASP C 114 -3.66 18.52 -12.23
CA ASP C 114 -2.85 17.45 -11.63
C ASP C 114 -3.18 17.22 -10.17
N ASP C 115 -3.11 15.96 -9.75
CA ASP C 115 -3.41 15.57 -8.36
C ASP C 115 -2.39 16.15 -7.37
N ILE C 116 -1.12 16.21 -7.80
CA ILE C 116 -0.06 16.81 -7.00
C ILE C 116 -0.47 18.21 -6.47
N VAL C 117 -1.07 19.01 -7.34
CA VAL C 117 -1.53 20.37 -7.00
C VAL C 117 -2.52 20.39 -5.84
N LEU C 118 -3.54 19.54 -5.89
CA LEU C 118 -4.49 19.37 -4.77
C LEU C 118 -3.80 18.86 -3.51
N MET C 119 -2.84 17.96 -3.69
CA MET C 119 -2.05 17.45 -2.57
C MET C 119 -1.32 18.59 -1.86
N ALA C 120 -0.64 19.43 -2.65
CA ALA C 120 0.04 20.62 -2.15
C ALA C 120 -0.91 21.59 -1.43
N GLN C 121 -2.08 21.85 -2.01
CA GLN C 121 -3.05 22.79 -1.39
C GLN C 121 -3.44 22.31 -0.01
N THR C 122 -3.70 21.02 0.12
CA THR C 122 -4.11 20.41 1.39
C THR C 122 -2.99 20.54 2.42
N LEU C 123 -1.76 20.23 2.00
CA LEU C 123 -0.60 20.34 2.89
C LEU C 123 -0.36 21.79 3.30
N GLU C 124 -0.49 22.69 2.32
CA GLU C 124 -0.28 24.11 2.57
C GLU C 124 -1.28 24.69 3.58
N LYS C 125 -2.54 24.26 3.46
CA LYS C 125 -3.58 24.68 4.41
C LYS C 125 -3.25 24.27 5.85
N ILE C 126 -2.78 23.03 6.02
CA ILE C 126 -2.30 22.59 7.35
C ILE C 126 -1.09 23.40 7.84
N PHE C 127 -0.13 23.65 6.95
CA PHE C 127 1.03 24.48 7.25
C PHE C 127 0.58 25.83 7.81
N LEU C 128 -0.27 26.54 7.07
CA LEU C 128 -0.78 27.86 7.50
C LEU C 128 -1.51 27.84 8.82
N GLN C 129 -2.39 26.84 8.99
CA GLN C 129 -3.12 26.64 10.24
C GLN C 129 -2.15 26.59 11.41
N LYS C 130 -1.19 25.67 11.33
CA LYS C 130 -0.15 25.52 12.36
C LYS C 130 0.70 26.77 12.56
N VAL C 131 1.08 27.45 11.48
CA VAL C 131 1.87 28.67 11.61
C VAL C 131 1.15 29.76 12.41
N ALA C 132 -0.19 29.82 12.28
CA ALA C 132 -0.99 30.83 13.00
C ALA C 132 -0.93 30.69 14.53
N SER C 133 -0.68 29.45 15.01
CA SER C 133 -0.59 29.19 16.45
C SER C 133 0.87 29.12 16.95
N MET C 134 1.82 29.49 16.09
CA MET C 134 3.24 29.50 16.44
C MET C 134 3.53 30.62 17.46
N PRO C 135 4.41 30.35 18.44
CA PRO C 135 4.83 31.39 19.41
C PRO C 135 5.52 32.59 18.73
N GLN C 136 5.65 33.70 19.46
CA GLN C 136 6.40 34.87 18.97
C GLN C 136 7.70 35.08 19.75
#